data_2F2C
#
_entry.id   2F2C
#
_cell.length_a   71.517
_cell.length_b   71.517
_cell.length_c   449.297
_cell.angle_alpha   90.00
_cell.angle_beta   90.00
_cell.angle_gamma   120.00
#
_symmetry.space_group_name_H-M   'P 65 2 2'
#
loop_
_entity.id
_entity.type
_entity.pdbx_description
1 polymer 'Cyclin homolog'
2 polymer 'Cell division protein kinase 6'
3 non-polymer 'SULFATE ION'
4 non-polymer (2S)-2-({6-[(3-AMINO-5-CHLOROPHENYL)AMINO]-9-ISOPROPYL-9H-PURIN-2-YL}AMINO)-3-METHYLBUTAN-1-OL
5 non-polymer 'DIMETHYL SULFOXIDE'
#
loop_
_entity_poly.entity_id
_entity_poly.type
_entity_poly.pdbx_seq_one_letter_code
_entity_poly.pdbx_strand_id
1 'polypeptide(L)'
;MADSPNRLNRAKIDSTTMKDPRVLNNLKLRELLLPKFTSLWEIQTEVTVDNRTILLTWMHLLCESFELDKSVFPLSVSIL
DRYLCKKQGTKKTLQKIGAACVLIGSKIRTVKPMTVSKLTYLSCDCFTNLELINQEKDILEALKWDTEAVLATDFLIPLC
NALKIPEDLWPQLYEAASTTICKALIQPNIALLSPGLICAGGLLTTIETDNTNCRPWTCYLEDLSSILNFSTNTVRTVKD
QVSEAFSLYDLEIL
;
A
2 'polypeptide(L)'
;MEKDGLCRADQQYECVAEIGEGAYGKVFKARDLKNGGRFVALKRVRVQTGEEGMPLSTIREVAVLRHLETFEHPNVVRLF
DVCTVSRTDRETKLTLVFEHVDQDLTTYLDKVPEPGVPTETIKDMMFQLLRGLDFLHSHRVVHRDLKPQNILVTSSGQIK
LADFGLARIYSFQMALTSVVVTLWYRAPEVLLQSSYATPVDLWSVGCIFAEMFRRKPLFRGSSDVDQLGKILDVIGLPGE
EDWPRDVALPRQAFHSKSAQPIEKFVTDIDELGKDLLLKCLTFNPAKRISAYSALSHPYFQDLERCKE
;
B
#
loop_
_chem_comp.id
_chem_comp.type
_chem_comp.name
_chem_comp.formula
AP9 non-polymer (2S)-2-({6-[(3-AMINO-5-CHLOROPHENYL)AMINO]-9-ISOPROPYL-9H-PURIN-2-YL}AMINO)-3-METHYLBUTAN-1-OL 'C19 H26 Cl N7 O'
DMS non-polymer 'DIMETHYL SULFOXIDE' 'C2 H6 O S'
SO4 non-polymer 'SULFATE ION' 'O4 S -2'
#
# COMPACT_ATOMS: atom_id res chain seq x y z
N LEU A 8 -2.36 -17.58 -2.10
CA LEU A 8 -2.19 -18.65 -1.07
C LEU A 8 -1.37 -18.15 0.13
N ASN A 9 -0.16 -17.64 -0.11
CA ASN A 9 0.64 -17.06 0.98
C ASN A 9 -0.04 -15.86 1.67
N ARG A 10 -0.02 -15.84 3.01
CA ARG A 10 -0.62 -14.75 3.80
C ARG A 10 0.45 -13.94 4.54
N ALA A 11 0.17 -12.65 4.75
CA ALA A 11 1.12 -11.76 5.40
C ALA A 11 1.34 -12.12 6.86
N LYS A 12 2.62 -12.31 7.20
CA LYS A 12 3.00 -12.60 8.60
C LYS A 12 3.46 -11.34 9.38
N ILE A 13 3.86 -11.51 10.64
CA ILE A 13 4.28 -10.37 11.48
C ILE A 13 5.50 -9.69 10.90
N ASP A 14 5.38 -8.37 10.73
CA ASP A 14 6.44 -7.57 10.15
C ASP A 14 6.66 -6.41 11.11
N SER A 15 7.79 -6.46 11.81
CA SER A 15 8.02 -5.58 12.94
C SER A 15 8.06 -4.14 12.48
N THR A 16 8.60 -3.91 11.29
CA THR A 16 8.62 -2.59 10.67
C THR A 16 7.23 -1.95 10.51
N THR A 17 6.23 -2.79 10.26
CA THR A 17 4.92 -2.30 9.85
C THR A 17 3.93 -2.43 10.97
N MET A 18 4.30 -3.16 12.01
CA MET A 18 3.38 -3.49 13.10
C MET A 18 3.88 -3.12 14.49
N LYS A 19 5.18 -3.17 14.72
CA LYS A 19 5.71 -2.94 16.05
C LYS A 19 6.27 -1.53 16.21
N ASP A 20 6.54 -0.84 15.11
CA ASP A 20 7.06 0.53 15.17
C ASP A 20 6.04 1.50 15.81
N PRO A 21 6.42 2.12 16.93
CA PRO A 21 5.52 3.06 17.61
C PRO A 21 4.99 4.11 16.66
N ARG A 22 5.76 4.46 15.63
CA ARG A 22 5.33 5.58 14.80
C ARG A 22 4.36 5.27 13.66
N VAL A 23 4.19 3.98 13.36
CA VAL A 23 3.14 3.53 12.46
C VAL A 23 1.78 3.89 13.06
N LEU A 24 1.60 3.67 14.37
CA LEU A 24 0.35 4.04 15.05
C LEU A 24 0.16 5.54 14.95
N ASN A 25 1.29 6.25 15.12
CA ASN A 25 1.30 7.69 15.11
C ASN A 25 0.79 8.18 13.78
N ASN A 26 1.27 7.56 12.69
CA ASN A 26 0.92 8.00 11.33
C ASN A 26 -0.51 7.64 10.98
N LEU A 27 -1.03 6.59 11.58
CA LEU A 27 -2.39 6.17 11.32
C LEU A 27 -3.34 7.22 11.89
N LYS A 28 -3.09 7.60 13.14
CA LYS A 28 -3.83 8.72 13.76
C LYS A 28 -3.73 9.98 12.94
N LEU A 29 -2.54 10.27 12.40
CA LEU A 29 -2.34 11.50 11.64
C LEU A 29 -3.12 11.48 10.34
N ARG A 30 -2.97 10.40 9.56
CA ARG A 30 -3.65 10.24 8.28
C ARG A 30 -5.16 10.08 8.47
N GLU A 31 -5.56 9.58 9.64
CA GLU A 31 -6.96 9.65 10.04
C GLU A 31 -7.46 11.11 9.96
N LEU A 32 -6.69 12.09 10.45
CA LEU A 32 -7.15 13.49 10.43
C LEU A 32 -7.33 14.07 9.03
N LEU A 33 -7.15 13.24 8.01
CA LEU A 33 -7.31 13.71 6.63
C LEU A 33 -8.75 13.64 6.14
N LEU A 34 -9.37 12.46 6.18
CA LEU A 34 -10.73 12.31 5.64
C LEU A 34 -11.77 13.26 6.33
N PRO A 35 -12.99 13.38 5.76
CA PRO A 35 -13.85 14.53 6.07
C PRO A 35 -14.56 14.39 7.42
N LYS A 36 -14.88 15.51 8.06
CA LYS A 36 -15.66 15.45 9.30
C LYS A 36 -17.18 15.24 9.03
N PHE A 37 -17.61 13.97 9.11
CA PHE A 37 -19.01 13.58 8.91
C PHE A 37 -19.89 14.00 10.11
N THR A 38 -20.60 15.13 9.99
CA THR A 38 -21.60 15.46 11.01
C THR A 38 -22.89 14.65 10.76
N SER A 39 -23.35 14.68 9.50
CA SER A 39 -24.63 14.07 9.14
C SER A 39 -24.53 13.15 7.92
N LEU A 40 -24.71 11.85 8.16
CA LEU A 40 -24.47 10.86 7.13
C LEU A 40 -25.42 10.99 5.94
N TRP A 41 -24.83 11.03 4.73
CA TRP A 41 -25.54 11.08 3.45
C TRP A 41 -26.41 12.32 3.26
N GLU A 42 -26.07 13.40 3.98
CA GLU A 42 -26.90 14.61 4.07
C GLU A 42 -27.21 15.30 2.74
N ILE A 43 -26.31 15.19 1.78
CA ILE A 43 -26.43 15.80 0.46
C ILE A 43 -27.44 15.09 -0.44
N GLN A 44 -28.10 14.07 0.10
CA GLN A 44 -28.95 13.21 -0.71
C GLN A 44 -30.42 13.57 -0.67
N THR A 45 -31.08 13.49 -1.83
CA THR A 45 -32.49 13.88 -1.96
C THR A 45 -33.40 12.66 -1.86
N GLU A 46 -32.99 11.57 -2.49
CA GLU A 46 -33.78 10.36 -2.57
C GLU A 46 -33.32 9.37 -1.47
N VAL A 47 -32.42 8.46 -1.84
CA VAL A 47 -31.89 7.44 -0.94
C VAL A 47 -31.72 7.94 0.51
N THR A 48 -32.10 7.12 1.47
CA THR A 48 -31.90 7.47 2.88
C THR A 48 -30.94 6.51 3.58
N VAL A 49 -30.84 6.66 4.90
CA VAL A 49 -29.92 5.89 5.70
C VAL A 49 -30.42 4.47 5.77
N ASP A 50 -31.72 4.29 5.83
CA ASP A 50 -32.31 2.96 5.79
C ASP A 50 -31.85 2.21 4.54
N ASN A 51 -31.82 2.88 3.38
CA ASN A 51 -31.30 2.26 2.16
C ASN A 51 -29.85 1.83 2.34
N ARG A 52 -29.04 2.71 2.92
CA ARG A 52 -27.65 2.37 3.19
C ARG A 52 -27.50 1.00 3.87
N THR A 53 -28.26 0.77 4.94
CA THR A 53 -28.13 -0.48 5.73
C THR A 53 -28.35 -1.77 4.92
N ILE A 54 -29.35 -1.76 4.04
CA ILE A 54 -29.60 -2.88 3.14
C ILE A 54 -28.41 -3.09 2.17
N LEU A 55 -27.95 -2.01 1.53
CA LEU A 55 -26.93 -2.08 0.52
C LEU A 55 -25.60 -2.52 1.10
N LEU A 56 -25.28 -2.04 2.29
CA LEU A 56 -24.06 -2.44 2.95
C LEU A 56 -24.14 -3.88 3.46
N THR A 57 -25.37 -4.35 3.76
CA THR A 57 -25.62 -5.75 4.11
C THR A 57 -25.34 -6.64 2.91
N TRP A 58 -25.74 -6.21 1.73
CA TRP A 58 -25.43 -6.96 0.54
C TRP A 58 -23.93 -6.88 0.23
N MET A 59 -23.37 -5.67 0.20
CA MET A 59 -21.93 -5.50 -0.07
C MET A 59 -21.09 -6.38 0.87
N HIS A 60 -21.48 -6.40 2.16
CA HIS A 60 -20.88 -7.29 3.13
C HIS A 60 -20.99 -8.77 2.76
N LEU A 61 -22.21 -9.22 2.47
CA LEU A 61 -22.41 -10.62 2.12
C LEU A 61 -21.45 -11.02 1.01
N LEU A 62 -21.34 -10.13 0.03
CA LEU A 62 -20.58 -10.35 -1.17
C LEU A 62 -19.09 -10.60 -0.84
N CYS A 63 -18.51 -9.78 0.05
CA CYS A 63 -17.13 -9.95 0.50
C CYS A 63 -16.96 -11.21 1.34
N GLU A 64 -17.87 -11.43 2.26
CA GLU A 64 -17.85 -12.61 3.12
C GLU A 64 -17.95 -13.87 2.26
N SER A 65 -18.90 -13.89 1.33
CA SER A 65 -19.13 -15.06 0.48
C SER A 65 -18.01 -15.33 -0.51
N PHE A 66 -17.41 -14.29 -1.09
CA PHE A 66 -16.31 -14.54 -2.00
C PHE A 66 -14.97 -14.60 -1.30
N GLU A 67 -15.00 -14.52 0.03
CA GLU A 67 -13.81 -14.71 0.88
C GLU A 67 -12.72 -13.64 0.71
N LEU A 68 -13.11 -12.40 0.46
CA LEU A 68 -12.14 -11.31 0.30
C LEU A 68 -11.45 -10.90 1.61
N ASP A 69 -10.21 -10.44 1.47
CA ASP A 69 -9.44 -9.95 2.59
C ASP A 69 -10.24 -9.03 3.44
N LYS A 70 -10.01 -9.12 4.74
CA LYS A 70 -10.80 -8.40 5.74
C LYS A 70 -10.86 -6.90 5.50
N SER A 71 -10.01 -6.36 4.66
CA SER A 71 -10.00 -4.92 4.56
C SER A 71 -10.72 -4.33 3.31
N VAL A 72 -11.15 -5.19 2.40
CA VAL A 72 -11.96 -4.76 1.25
C VAL A 72 -13.28 -4.07 1.64
N PHE A 73 -13.98 -4.65 2.61
CA PHE A 73 -15.28 -4.11 2.94
C PHE A 73 -15.20 -2.72 3.57
N PRO A 74 -14.43 -2.53 4.64
CA PRO A 74 -14.29 -1.20 5.20
C PRO A 74 -13.97 -0.15 4.12
N LEU A 75 -13.05 -0.48 3.22
CA LEU A 75 -12.60 0.48 2.22
C LEU A 75 -13.71 0.75 1.23
N SER A 76 -14.42 -0.30 0.84
CA SER A 76 -15.52 -0.15 -0.08
C SER A 76 -16.67 0.67 0.53
N VAL A 77 -16.80 0.66 1.87
CA VAL A 77 -17.74 1.53 2.58
C VAL A 77 -17.27 2.99 2.54
N SER A 78 -15.99 3.18 2.79
CA SER A 78 -15.38 4.47 2.77
C SER A 78 -15.59 5.11 1.41
N ILE A 79 -15.24 4.37 0.35
CA ILE A 79 -15.39 4.88 -1.02
C ILE A 79 -16.82 5.31 -1.28
N LEU A 80 -17.77 4.48 -0.82
CA LEU A 80 -19.20 4.72 -1.03
C LEU A 80 -19.62 6.04 -0.42
N ASP A 81 -19.36 6.23 0.88
CA ASP A 81 -19.72 7.49 1.56
C ASP A 81 -19.08 8.72 0.91
N ARG A 82 -17.75 8.70 0.80
CA ARG A 82 -17.02 9.77 0.12
C ARG A 82 -17.67 10.11 -1.21
N TYR A 83 -17.89 9.10 -2.05
CA TYR A 83 -18.53 9.26 -3.35
C TYR A 83 -19.89 9.91 -3.24
N LEU A 84 -20.65 9.55 -2.21
CA LEU A 84 -22.01 10.07 -2.07
C LEU A 84 -22.07 11.38 -1.27
N CYS A 85 -20.92 12.01 -1.06
CA CYS A 85 -20.85 13.43 -0.65
C CYS A 85 -20.72 14.31 -1.88
N LYS A 86 -20.43 13.70 -3.02
CA LYS A 86 -20.10 14.46 -4.22
C LYS A 86 -21.12 14.35 -5.34
N LYS A 87 -21.48 13.14 -5.74
CA LYS A 87 -22.51 12.98 -6.78
C LYS A 87 -23.82 12.52 -6.13
N GLN A 88 -24.89 12.45 -6.91
CA GLN A 88 -26.19 12.08 -6.37
C GLN A 88 -26.52 10.61 -6.64
N GLY A 89 -27.23 9.97 -5.71
CA GLY A 89 -27.71 8.61 -5.91
C GLY A 89 -29.21 8.53 -5.97
N THR A 90 -29.72 7.62 -6.80
CA THR A 90 -31.15 7.32 -6.83
C THR A 90 -31.37 5.88 -6.37
N LYS A 91 -32.48 5.66 -5.67
CA LYS A 91 -32.84 4.30 -5.18
C LYS A 91 -32.72 3.23 -6.26
N LYS A 92 -33.09 3.58 -7.48
CA LYS A 92 -33.08 2.66 -8.62
C LYS A 92 -31.69 2.50 -9.25
N THR A 93 -30.68 3.09 -8.63
CA THR A 93 -29.29 2.94 -9.10
C THR A 93 -28.27 2.68 -7.96
N LEU A 94 -28.76 2.67 -6.72
CA LEU A 94 -27.94 2.53 -5.53
C LEU A 94 -27.12 1.27 -5.58
N GLN A 95 -27.72 0.20 -6.07
CA GLN A 95 -27.04 -1.08 -6.15
C GLN A 95 -25.84 -1.04 -7.08
N LYS A 96 -25.99 -0.38 -8.22
CA LYS A 96 -24.90 -0.19 -9.18
C LYS A 96 -23.73 0.53 -8.51
N ILE A 97 -24.06 1.54 -7.71
CA ILE A 97 -23.01 2.33 -7.05
C ILE A 97 -22.21 1.44 -6.12
N GLY A 98 -22.94 0.75 -5.23
CA GLY A 98 -22.32 -0.08 -4.20
C GLY A 98 -21.57 -1.24 -4.82
N ALA A 99 -22.05 -1.70 -5.97
CA ALA A 99 -21.38 -2.75 -6.71
C ALA A 99 -20.03 -2.25 -7.17
N ALA A 100 -19.96 -1.03 -7.69
CA ALA A 100 -18.71 -0.50 -8.21
C ALA A 100 -17.72 -0.06 -7.13
N CYS A 101 -18.22 0.16 -5.91
CA CYS A 101 -17.34 0.41 -4.78
C CYS A 101 -16.57 -0.85 -4.39
N VAL A 102 -17.28 -1.95 -4.19
CA VAL A 102 -16.64 -3.25 -3.96
C VAL A 102 -15.66 -3.59 -5.08
N LEU A 103 -16.00 -3.24 -6.31
CA LEU A 103 -15.10 -3.50 -7.42
C LEU A 103 -13.79 -2.73 -7.19
N ILE A 104 -13.89 -1.42 -6.97
CA ILE A 104 -12.69 -0.60 -6.75
C ILE A 104 -11.91 -1.10 -5.54
N GLY A 105 -12.63 -1.34 -4.44
CA GLY A 105 -12.07 -1.81 -3.17
C GLY A 105 -11.31 -3.11 -3.31
N SER A 106 -11.96 -4.12 -3.89
CA SER A 106 -11.33 -5.40 -4.06
C SER A 106 -10.08 -5.27 -4.93
N LYS A 107 -10.16 -4.40 -5.92
CA LYS A 107 -9.04 -4.13 -6.77
C LYS A 107 -7.86 -3.54 -6.01
N ILE A 108 -8.11 -2.93 -4.86
CA ILE A 108 -7.00 -2.28 -4.13
C ILE A 108 -6.51 -3.10 -2.93
N ARG A 109 -7.42 -3.68 -2.14
CA ARG A 109 -7.04 -4.30 -0.89
C ARG A 109 -7.03 -5.84 -0.89
N THR A 110 -7.03 -6.45 -2.08
CA THR A 110 -7.12 -7.91 -2.17
C THR A 110 -6.39 -8.46 -3.41
N VAL A 111 -5.97 -9.72 -3.33
CA VAL A 111 -5.00 -10.23 -4.28
C VAL A 111 -5.69 -10.70 -5.55
N LYS A 112 -6.91 -11.19 -5.39
CA LYS A 112 -7.70 -11.70 -6.50
C LYS A 112 -8.98 -10.88 -6.52
N PRO A 113 -9.02 -9.85 -7.35
CA PRO A 113 -10.11 -8.87 -7.34
C PRO A 113 -11.44 -9.50 -7.72
N MET A 114 -12.52 -8.83 -7.40
CA MET A 114 -13.83 -9.21 -7.92
C MET A 114 -13.88 -8.78 -9.39
N THR A 115 -14.54 -9.58 -10.23
CA THR A 115 -14.64 -9.28 -11.65
C THR A 115 -16.00 -8.69 -11.96
N VAL A 116 -16.08 -7.91 -13.03
CA VAL A 116 -17.34 -7.31 -13.46
C VAL A 116 -18.40 -8.39 -13.78
N SER A 117 -17.96 -9.41 -14.54
CA SER A 117 -18.76 -10.56 -14.94
C SER A 117 -19.26 -11.42 -13.75
N LYS A 118 -19.19 -10.86 -12.56
CA LYS A 118 -19.46 -11.59 -11.34
C LYS A 118 -20.32 -10.75 -10.43
N LEU A 119 -20.19 -9.43 -10.52
CA LEU A 119 -21.05 -8.52 -9.76
C LEU A 119 -22.32 -8.23 -10.56
N THR A 120 -22.18 -8.25 -11.89
CA THR A 120 -23.31 -8.06 -12.80
C THR A 120 -24.29 -9.22 -12.65
N TYR A 121 -23.93 -10.36 -13.24
CA TYR A 121 -24.69 -11.61 -13.16
C TYR A 121 -25.27 -11.84 -11.75
N LEU A 122 -24.52 -11.41 -10.74
CA LEU A 122 -24.99 -11.40 -9.35
C LEU A 122 -25.43 -9.99 -8.93
N SER A 123 -26.46 -9.44 -9.60
CA SER A 123 -27.10 -8.18 -9.21
C SER A 123 -28.12 -7.71 -10.26
N PHE A 127 -28.13 -4.49 -14.50
CA PHE A 127 -27.20 -3.73 -15.31
C PHE A 127 -26.28 -4.59 -16.21
N THR A 128 -25.79 -4.01 -17.31
CA THR A 128 -24.77 -4.64 -18.15
C THR A 128 -23.40 -4.24 -17.63
N ASN A 129 -22.33 -4.78 -18.25
CA ASN A 129 -20.96 -4.53 -17.77
C ASN A 129 -20.42 -3.12 -18.07
N LEU A 130 -20.71 -2.63 -19.28
CA LEU A 130 -20.37 -1.26 -19.65
C LEU A 130 -20.94 -0.28 -18.61
N GLU A 131 -22.15 -0.57 -18.15
CA GLU A 131 -22.80 0.25 -17.12
C GLU A 131 -22.09 0.17 -15.77
N LEU A 132 -21.53 -0.98 -15.45
CA LEU A 132 -20.72 -1.11 -14.26
C LEU A 132 -19.40 -0.35 -14.49
N ILE A 133 -18.77 -0.59 -15.64
CA ILE A 133 -17.50 0.05 -15.98
C ILE A 133 -17.60 1.58 -15.98
N ASN A 134 -18.66 2.12 -16.59
CA ASN A 134 -18.88 3.56 -16.56
C ASN A 134 -19.07 4.09 -15.14
N GLN A 135 -19.67 3.27 -14.28
CA GLN A 135 -19.89 3.64 -12.88
C GLN A 135 -18.59 3.62 -12.09
N GLU A 136 -17.69 2.69 -12.43
CA GLU A 136 -16.34 2.68 -11.86
C GLU A 136 -15.59 3.93 -12.30
N LYS A 137 -15.77 4.30 -13.55
CA LYS A 137 -15.11 5.45 -14.16
C LYS A 137 -15.65 6.77 -13.60
N ASP A 138 -16.95 6.82 -13.31
CA ASP A 138 -17.57 8.01 -12.75
C ASP A 138 -17.22 8.23 -11.27
N ILE A 139 -17.25 7.14 -10.49
CA ILE A 139 -16.77 7.18 -9.09
C ILE A 139 -15.31 7.67 -8.98
N LEU A 140 -14.41 7.00 -9.70
CA LEU A 140 -13.02 7.35 -9.64
C LEU A 140 -12.76 8.83 -9.92
N GLU A 141 -13.33 9.34 -11.00
CA GLU A 141 -13.01 10.70 -11.39
C GLU A 141 -13.66 11.78 -10.53
N ALA A 142 -14.75 11.44 -9.88
CA ALA A 142 -15.38 12.33 -8.90
C ALA A 142 -14.55 12.50 -7.63
N LEU A 143 -13.96 11.42 -7.14
CA LEU A 143 -13.06 11.47 -5.99
C LEU A 143 -11.63 11.90 -6.35
N LYS A 144 -11.43 12.21 -7.63
CA LYS A 144 -10.10 12.55 -8.17
C LYS A 144 -9.09 11.44 -7.87
N TRP A 145 -9.55 10.19 -7.93
CA TRP A 145 -8.72 8.99 -7.74
C TRP A 145 -8.09 8.83 -6.35
N ASP A 146 -8.52 9.66 -5.39
CA ASP A 146 -8.08 9.54 -4.00
C ASP A 146 -8.95 8.50 -3.30
N THR A 147 -8.63 7.22 -3.53
CA THR A 147 -9.49 6.08 -3.15
C THR A 147 -9.17 5.44 -1.81
N GLU A 148 -7.89 5.35 -1.50
CA GLU A 148 -7.40 4.82 -0.21
C GLU A 148 -7.88 5.67 0.99
N ALA A 149 -7.70 5.14 2.21
CA ALA A 149 -8.17 5.77 3.47
C ALA A 149 -7.74 4.98 4.70
N VAL A 150 -7.64 5.63 5.85
CA VAL A 150 -7.42 4.86 7.06
C VAL A 150 -8.70 4.04 7.39
N LEU A 151 -8.55 2.72 7.48
CA LEU A 151 -9.69 1.85 7.75
C LEU A 151 -9.68 1.42 9.20
N ALA A 152 -10.86 1.37 9.82
CA ALA A 152 -10.95 0.92 11.21
C ALA A 152 -10.01 -0.26 11.35
N THR A 153 -9.93 -1.03 10.29
CA THR A 153 -9.34 -2.31 10.37
C THR A 153 -7.81 -2.28 10.36
N ASP A 154 -7.24 -1.14 9.95
CA ASP A 154 -5.78 -0.97 9.90
C ASP A 154 -5.21 -0.79 11.31
N PHE A 155 -6.06 -0.44 12.27
CA PHE A 155 -5.60 -0.18 13.62
C PHE A 155 -5.37 -1.42 14.44
N LEU A 156 -6.11 -2.50 14.17
CA LEU A 156 -6.07 -3.74 14.98
C LEU A 156 -4.72 -4.14 15.55
N ILE A 157 -3.73 -4.31 14.70
CA ILE A 157 -2.47 -4.86 15.16
C ILE A 157 -1.63 -3.83 15.93
N PRO A 158 -1.42 -2.62 15.38
CA PRO A 158 -0.79 -1.55 16.14
C PRO A 158 -1.37 -1.33 17.54
N LEU A 159 -2.69 -1.45 17.69
CA LEU A 159 -3.29 -1.34 19.02
C LEU A 159 -2.89 -2.50 19.91
N CYS A 160 -2.99 -3.73 19.38
CA CYS A 160 -2.53 -4.94 20.08
C CYS A 160 -1.10 -4.86 20.59
N ASN A 161 -0.19 -4.42 19.73
CA ASN A 161 1.20 -4.23 20.09
C ASN A 161 1.38 -3.16 21.18
N ALA A 162 0.73 -2.01 21.02
CA ALA A 162 0.79 -0.96 22.02
C ALA A 162 0.19 -1.33 23.39
N LEU A 163 -0.89 -2.12 23.41
CA LEU A 163 -1.43 -2.61 24.69
C LEU A 163 -0.60 -3.77 25.22
N LYS A 164 0.56 -3.98 24.59
CA LYS A 164 1.54 -5.00 24.97
C LYS A 164 0.98 -6.42 25.15
N ILE A 165 -0.05 -6.77 24.38
CA ILE A 165 -0.54 -8.15 24.25
C ILE A 165 0.50 -9.00 23.50
N PRO A 166 0.84 -10.15 24.08
CA PRO A 166 1.84 -11.06 23.50
C PRO A 166 1.46 -11.49 22.09
N GLU A 167 2.43 -11.42 21.18
CA GLU A 167 2.21 -11.75 19.76
C GLU A 167 1.42 -13.02 19.53
N ASP A 168 1.67 -14.06 20.34
CA ASP A 168 1.01 -15.38 20.25
C ASP A 168 -0.51 -15.32 20.00
N LEU A 169 -1.16 -14.24 20.44
CA LEU A 169 -2.63 -14.17 20.35
C LEU A 169 -3.18 -13.44 19.14
N TRP A 170 -2.30 -12.90 18.30
CA TRP A 170 -2.71 -11.99 17.24
C TRP A 170 -3.55 -12.67 16.14
N PRO A 171 -3.17 -13.87 15.70
CA PRO A 171 -4.01 -14.65 14.78
C PRO A 171 -5.49 -14.69 15.19
N GLN A 172 -5.80 -15.28 16.35
CA GLN A 172 -7.18 -15.41 16.79
C GLN A 172 -7.87 -14.05 17.03
N LEU A 173 -7.13 -13.10 17.60
CA LEU A 173 -7.72 -11.84 18.03
C LEU A 173 -8.04 -11.06 16.78
N TYR A 174 -7.08 -11.06 15.86
CA TYR A 174 -7.23 -10.38 14.60
C TYR A 174 -8.47 -10.90 13.90
N GLU A 175 -8.54 -12.22 13.83
CA GLU A 175 -9.61 -12.95 13.17
C GLU A 175 -11.00 -12.55 13.68
N ALA A 176 -11.22 -12.69 15.00
CA ALA A 176 -12.48 -12.31 15.63
C ALA A 176 -12.79 -10.80 15.52
N ALA A 177 -11.81 -9.96 15.83
CA ALA A 177 -12.07 -8.53 15.87
C ALA A 177 -12.36 -7.90 14.51
N SER A 178 -11.71 -8.36 13.45
CA SER A 178 -12.02 -7.83 12.11
C SER A 178 -13.43 -8.25 11.64
N THR A 179 -13.84 -9.48 11.97
CA THR A 179 -15.19 -9.94 11.67
C THR A 179 -16.17 -9.02 12.37
N THR A 180 -15.96 -8.84 13.67
CA THR A 180 -16.74 -7.91 14.49
C THR A 180 -16.77 -6.47 13.94
N ILE A 181 -15.60 -5.93 13.59
CA ILE A 181 -15.57 -4.57 13.03
C ILE A 181 -16.35 -4.52 11.69
N CYS A 182 -16.04 -5.43 10.77
CA CYS A 182 -16.72 -5.47 9.46
C CYS A 182 -18.23 -5.59 9.54
N LYS A 183 -18.79 -6.28 10.52
CA LYS A 183 -20.25 -6.32 10.61
C LYS A 183 -20.83 -5.01 11.17
N ALA A 184 -20.25 -4.50 12.26
CA ALA A 184 -20.68 -3.22 12.86
C ALA A 184 -20.82 -2.09 11.85
N LEU A 185 -19.83 -1.97 10.94
CA LEU A 185 -19.79 -0.93 9.90
C LEU A 185 -21.02 -0.88 9.00
N ILE A 186 -21.90 -1.89 9.09
CA ILE A 186 -23.17 -1.89 8.36
C ILE A 186 -24.10 -0.80 8.93
N GLN A 187 -24.06 -0.66 10.26
CA GLN A 187 -24.97 0.22 10.98
C GLN A 187 -24.65 1.72 10.83
N PRO A 188 -25.70 2.52 10.60
CA PRO A 188 -25.58 3.97 10.34
C PRO A 188 -24.75 4.78 11.34
N ASN A 189 -24.99 4.57 12.64
CA ASN A 189 -24.31 5.33 13.67
C ASN A 189 -22.81 5.01 13.82
N ILE A 190 -22.29 4.08 13.03
CA ILE A 190 -20.89 3.71 13.15
C ILE A 190 -20.08 4.55 12.18
N ALA A 191 -20.74 5.03 11.13
CA ALA A 191 -20.05 5.71 10.02
C ALA A 191 -19.32 6.96 10.50
N LEU A 192 -19.87 7.61 11.52
CA LEU A 192 -19.38 8.89 11.99
C LEU A 192 -18.20 8.79 12.94
N LEU A 193 -17.95 7.61 13.50
CA LEU A 193 -16.85 7.47 14.48
C LEU A 193 -15.50 7.37 13.78
N SER A 194 -14.44 7.75 14.50
CA SER A 194 -13.14 7.76 13.90
C SER A 194 -12.63 6.32 13.85
N PRO A 195 -11.97 5.95 12.76
CA PRO A 195 -11.57 4.57 12.54
C PRO A 195 -10.89 3.95 13.76
N GLY A 196 -10.02 4.71 14.42
CA GLY A 196 -9.30 4.19 15.57
C GLY A 196 -10.26 3.84 16.69
N LEU A 197 -11.30 4.64 16.88
CA LEU A 197 -12.30 4.32 17.90
C LEU A 197 -13.11 3.07 17.54
N ILE A 198 -13.67 3.02 16.33
CA ILE A 198 -14.34 1.81 15.86
C ILE A 198 -13.49 0.58 16.20
N CYS A 199 -12.21 0.62 15.83
CA CYS A 199 -11.27 -0.47 16.07
C CYS A 199 -11.10 -0.80 17.53
N ALA A 200 -10.69 0.18 18.34
CA ALA A 200 -10.68 0.04 19.79
C ALA A 200 -11.89 -0.73 20.31
N GLY A 201 -13.08 -0.30 19.89
CA GLY A 201 -14.32 -0.92 20.32
C GLY A 201 -14.41 -2.36 19.86
N GLY A 202 -14.12 -2.62 18.59
CA GLY A 202 -14.12 -3.98 18.08
C GLY A 202 -13.28 -4.91 18.93
N LEU A 203 -12.20 -4.38 19.49
CA LEU A 203 -11.19 -5.19 20.13
C LEU A 203 -11.66 -5.50 21.54
N LEU A 204 -12.23 -4.48 22.18
CA LEU A 204 -12.74 -4.64 23.53
C LEU A 204 -13.87 -5.66 23.57
N THR A 205 -14.79 -5.54 22.61
CA THR A 205 -15.91 -6.47 22.47
C THR A 205 -15.41 -7.89 22.40
N THR A 206 -14.44 -8.11 21.50
CA THR A 206 -13.85 -9.40 21.27
C THR A 206 -13.22 -9.97 22.56
N ILE A 207 -12.28 -9.20 23.13
CA ILE A 207 -11.62 -9.57 24.39
C ILE A 207 -12.61 -10.00 25.51
N GLU A 208 -13.75 -9.32 25.58
CA GLU A 208 -14.83 -9.70 26.50
C GLU A 208 -15.45 -11.08 26.19
N THR A 209 -16.25 -11.19 25.11
CA THR A 209 -16.85 -12.50 24.75
C THR A 209 -15.77 -13.41 24.22
N ASP A 210 -15.44 -14.41 25.03
CA ASP A 210 -14.22 -15.23 24.86
C ASP A 210 -12.96 -14.48 25.28
N ASN A 211 -12.89 -14.14 26.58
CA ASN A 211 -11.68 -13.59 27.20
C ASN A 211 -10.48 -14.43 26.77
N THR A 212 -10.55 -15.74 27.06
CA THR A 212 -9.58 -16.74 26.58
C THR A 212 -8.09 -16.39 26.81
N ASN A 213 -7.52 -16.92 27.91
CA ASN A 213 -6.14 -16.64 28.29
C ASN A 213 -5.74 -15.19 27.95
N CYS A 214 -6.54 -14.24 28.46
CA CYS A 214 -6.40 -12.82 28.14
C CYS A 214 -7.05 -11.97 29.23
N ARG A 215 -6.47 -10.79 29.51
CA ARG A 215 -6.91 -9.90 30.62
C ARG A 215 -8.34 -9.38 30.39
N PRO A 216 -9.03 -8.95 31.44
CA PRO A 216 -10.45 -8.56 31.31
C PRO A 216 -10.59 -7.15 30.70
N TRP A 217 -11.53 -6.98 29.77
CA TRP A 217 -11.73 -5.69 29.04
C TRP A 217 -11.40 -4.43 29.86
N THR A 218 -11.99 -4.31 31.05
CA THR A 218 -11.65 -3.29 32.03
C THR A 218 -10.20 -2.83 31.86
N CYS A 219 -9.28 -3.76 32.07
CA CYS A 219 -7.85 -3.50 32.07
C CYS A 219 -7.24 -2.89 30.80
N TYR A 220 -8.04 -2.74 29.75
CA TYR A 220 -7.53 -2.15 28.52
C TYR A 220 -8.11 -0.77 28.20
N LEU A 221 -9.23 -0.43 28.84
CA LEU A 221 -9.91 0.88 28.72
C LEU A 221 -8.99 2.07 29.04
N GLU A 222 -8.57 2.18 30.30
CA GLU A 222 -7.58 3.17 30.70
C GLU A 222 -6.45 3.39 29.68
N ASP A 223 -5.92 2.30 29.14
CA ASP A 223 -4.82 2.37 28.17
C ASP A 223 -5.25 2.87 26.79
N LEU A 224 -6.30 2.30 26.22
CA LEU A 224 -6.73 2.75 24.91
C LEU A 224 -7.00 4.24 24.96
N SER A 225 -7.49 4.69 26.11
CA SER A 225 -7.77 6.09 26.37
C SER A 225 -6.50 6.92 26.14
N SER A 226 -5.38 6.42 26.65
CA SER A 226 -4.11 7.11 26.51
C SER A 226 -3.49 6.91 25.13
N ILE A 227 -3.54 5.71 24.59
CA ILE A 227 -3.03 5.46 23.23
C ILE A 227 -3.72 6.34 22.20
N LEU A 228 -5.06 6.30 22.18
CA LEU A 228 -5.84 6.99 21.18
C LEU A 228 -5.95 8.48 21.45
N ASN A 229 -5.94 8.85 22.74
CA ASN A 229 -6.10 10.22 23.21
C ASN A 229 -7.56 10.64 23.19
N PHE A 230 -8.46 9.75 23.57
CA PHE A 230 -9.84 10.14 23.83
C PHE A 230 -10.12 9.97 25.32
N SER A 231 -11.28 10.38 25.81
CA SER A 231 -11.59 10.15 27.22
C SER A 231 -12.05 8.72 27.49
N THR A 232 -11.71 8.18 28.66
CA THR A 232 -12.25 6.88 29.08
C THR A 232 -13.75 6.73 28.80
N ASN A 233 -14.56 7.77 28.97
CA ASN A 233 -15.98 7.61 28.68
C ASN A 233 -16.28 7.38 27.21
N THR A 234 -15.69 8.19 26.35
CA THR A 234 -15.90 8.00 24.91
C THR A 234 -15.33 6.68 24.36
N VAL A 235 -14.46 6.00 25.11
CA VAL A 235 -14.03 4.63 24.74
C VAL A 235 -15.08 3.60 25.15
N ARG A 236 -15.49 3.65 26.41
CA ARG A 236 -16.53 2.79 26.92
C ARG A 236 -17.81 2.85 26.06
N THR A 237 -18.23 4.04 25.64
CA THR A 237 -19.40 4.20 24.74
C THR A 237 -19.19 3.57 23.36
N VAL A 238 -17.99 3.67 22.81
CA VAL A 238 -17.76 3.09 21.49
C VAL A 238 -17.68 1.56 21.57
N LYS A 239 -17.07 1.01 22.64
CA LYS A 239 -17.18 -0.43 22.92
C LYS A 239 -18.66 -0.87 22.83
N ASP A 240 -19.53 -0.23 23.58
CA ASP A 240 -20.95 -0.58 23.57
C ASP A 240 -21.65 -0.32 22.23
N GLN A 241 -21.18 0.66 21.46
CA GLN A 241 -21.82 0.97 20.18
C GLN A 241 -21.51 -0.08 19.13
N VAL A 242 -20.23 -0.49 19.06
CA VAL A 242 -19.79 -1.51 18.13
C VAL A 242 -20.52 -2.83 18.45
N SER A 243 -20.43 -3.25 19.71
CA SER A 243 -21.14 -4.42 20.19
C SER A 243 -22.63 -4.45 19.78
N GLU A 244 -23.32 -3.33 19.93
CA GLU A 244 -24.73 -3.25 19.55
C GLU A 244 -24.92 -3.31 18.03
N ALA A 245 -24.11 -2.54 17.31
CA ALA A 245 -24.12 -2.57 15.84
C ALA A 245 -23.95 -4.00 15.30
N PHE A 246 -23.01 -4.74 15.90
CA PHE A 246 -22.75 -6.14 15.57
C PHE A 246 -23.98 -7.03 15.78
N SER A 247 -24.67 -6.85 16.90
CA SER A 247 -25.96 -7.51 17.15
C SER A 247 -26.97 -7.28 16.05
N LEU A 248 -27.01 -6.08 15.49
CA LEU A 248 -28.07 -5.65 14.58
C LEU A 248 -28.04 -6.32 13.22
N TYR A 249 -26.98 -7.05 12.94
CA TYR A 249 -26.79 -7.72 11.67
C TYR A 249 -27.90 -8.75 11.39
N ASP A 250 -28.40 -8.77 10.15
CA ASP A 250 -29.62 -9.52 9.83
C ASP A 250 -29.81 -9.66 8.31
N LEU A 251 -29.58 -10.86 7.77
CA LEU A 251 -29.78 -11.09 6.34
C LEU A 251 -31.25 -10.98 5.92
N GLU A 252 -32.16 -11.27 6.86
CA GLU A 252 -33.59 -11.11 6.60
C GLU A 252 -33.94 -9.77 5.94
N ILE A 253 -33.13 -8.75 6.17
CA ILE A 253 -33.45 -7.35 5.72
C ILE A 253 -33.29 -7.06 4.22
N LEU A 254 -32.53 -7.89 3.50
CA LEU A 254 -32.30 -7.69 2.07
C LEU A 254 -33.57 -7.86 1.25
N ALA B 9 -2.47 16.27 -32.08
CA ALA B 9 -3.52 16.57 -31.07
C ALA B 9 -3.05 16.19 -29.66
N ASP B 10 -2.67 17.21 -28.88
CA ASP B 10 -2.31 17.03 -27.46
C ASP B 10 -2.93 18.12 -26.57
N GLN B 11 -3.84 17.69 -25.70
CA GLN B 11 -4.65 18.58 -24.88
C GLN B 11 -3.85 19.18 -23.72
N GLN B 12 -3.95 20.50 -23.55
CA GLN B 12 -3.33 21.24 -22.42
C GLN B 12 -1.81 21.04 -22.25
N TYR B 13 -1.22 20.18 -23.08
CA TYR B 13 0.19 19.83 -22.97
C TYR B 13 0.79 19.66 -24.37
N GLU B 14 2.11 19.85 -24.49
CA GLU B 14 2.78 19.80 -25.79
C GLU B 14 3.70 18.58 -25.94
N CYS B 15 3.16 17.51 -26.52
CA CYS B 15 3.91 16.28 -26.78
C CYS B 15 4.81 16.42 -28.02
N ALA B 17 10.22 10.29 -30.92
CA ALA B 17 8.81 10.63 -30.73
C ALA B 17 8.30 10.28 -29.32
N GLU B 18 9.21 9.80 -28.47
CA GLU B 18 8.88 9.34 -27.10
C GLU B 18 10.13 9.27 -26.24
N ILE B 19 9.98 8.95 -24.96
CA ILE B 19 11.13 8.72 -24.08
C ILE B 19 11.02 7.44 -23.25
N GLY B 20 10.28 6.46 -23.77
CA GLY B 20 10.10 5.17 -23.11
C GLY B 20 8.77 4.52 -23.43
N GLY B 25 1.61 1.35 -20.94
CA GLY B 25 1.64 2.14 -22.17
C GLY B 25 2.99 2.78 -22.40
N LYS B 26 3.00 4.07 -22.67
CA LYS B 26 4.26 4.76 -22.99
C LYS B 26 4.39 6.15 -22.36
N VAL B 27 5.60 6.47 -21.92
CA VAL B 27 5.93 7.74 -21.26
C VAL B 27 6.54 8.73 -22.24
N PHE B 28 6.09 9.99 -22.14
CA PHE B 28 6.53 11.07 -23.02
C PHE B 28 6.95 12.31 -22.21
N LYS B 29 7.90 13.07 -22.75
CA LYS B 29 8.29 14.38 -22.19
C LYS B 29 7.46 15.48 -22.85
N ALA B 30 6.80 16.31 -22.03
CA ALA B 30 5.92 17.37 -22.53
C ALA B 30 5.81 18.55 -21.57
N ARG B 31 5.37 19.69 -22.11
CA ARG B 31 5.25 20.93 -21.33
C ARG B 31 3.79 21.19 -20.92
N ASP B 32 3.58 22.15 -20.02
CA ASP B 32 2.23 22.58 -19.64
C ASP B 32 1.95 23.99 -20.13
N LEU B 33 0.76 24.19 -20.66
CA LEU B 33 0.34 25.51 -21.12
C LEU B 33 -0.44 26.25 -20.03
N LYS B 34 -0.78 25.52 -18.97
CA LYS B 34 -1.36 26.11 -17.75
C LYS B 34 -0.30 26.98 -17.07
N ASN B 35 0.77 26.33 -16.61
CA ASN B 35 1.93 27.02 -16.02
C ASN B 35 2.73 27.85 -17.05
N GLY B 36 3.85 28.45 -16.61
CA GLY B 36 4.66 29.32 -17.47
C GLY B 36 5.43 28.60 -18.57
N GLY B 37 4.94 27.42 -18.96
CA GLY B 37 5.60 26.60 -19.97
C GLY B 37 6.60 25.64 -19.35
N ARG B 38 6.16 24.97 -18.29
CA ARG B 38 7.00 24.08 -17.49
C ARG B 38 7.34 22.75 -18.18
N PHE B 39 7.49 21.71 -17.36
CA PHE B 39 7.82 20.37 -17.85
C PHE B 39 7.14 19.28 -17.01
N VAL B 40 6.46 18.37 -17.69
CA VAL B 40 5.75 17.28 -17.01
C VAL B 40 6.07 15.95 -17.66
N ALA B 41 5.86 14.86 -16.93
CA ALA B 41 6.01 13.52 -17.48
C ALA B 41 4.64 12.87 -17.70
N LEU B 42 4.32 12.60 -18.96
CA LEU B 42 3.03 12.03 -19.31
C LEU B 42 3.05 10.53 -19.50
N LYS B 43 2.29 9.83 -18.66
CA LYS B 43 2.20 8.38 -18.71
C LYS B 43 0.90 7.94 -19.36
N ARG B 44 1.01 7.44 -20.59
CA ARG B 44 -0.15 6.91 -21.31
C ARG B 44 -0.30 5.43 -20.97
N VAL B 45 -1.52 5.05 -20.57
CA VAL B 45 -1.88 3.69 -20.10
C VAL B 45 -2.96 3.05 -20.98
N ARG B 46 -2.66 1.86 -21.51
CA ARG B 46 -3.62 1.07 -22.30
C ARG B 46 -4.66 0.36 -21.42
N VAL B 47 -5.93 0.50 -21.79
CA VAL B 47 -7.05 -0.01 -21.02
C VAL B 47 -7.99 -0.73 -21.97
N GLN B 48 -7.74 -2.02 -22.19
CA GLN B 48 -8.46 -2.80 -23.20
C GLN B 48 -9.99 -2.78 -23.01
N THR B 49 -10.71 -2.58 -24.12
CA THR B 49 -12.18 -2.48 -24.12
C THR B 49 -12.85 -3.76 -23.59
N GLY B 50 -13.94 -3.59 -22.85
CA GLY B 50 -14.70 -4.71 -22.27
C GLY B 50 -13.85 -5.74 -21.54
N GLU B 51 -13.34 -5.37 -20.37
CA GLU B 51 -12.49 -6.26 -19.60
C GLU B 51 -12.92 -6.26 -18.13
N GLU B 52 -12.22 -5.48 -17.31
CA GLU B 52 -12.43 -5.45 -15.87
C GLU B 52 -12.61 -4.02 -15.38
N GLY B 53 -12.64 -3.09 -16.33
CA GLY B 53 -12.61 -1.67 -16.03
C GLY B 53 -11.17 -1.19 -15.93
N MET B 54 -10.95 -0.17 -15.11
CA MET B 54 -9.62 0.44 -14.94
C MET B 54 -8.61 -0.59 -14.45
N PRO B 55 -7.38 -0.52 -14.96
CA PRO B 55 -6.36 -1.51 -14.62
C PRO B 55 -6.12 -1.53 -13.13
N LEU B 56 -6.00 -2.73 -12.57
CA LEU B 56 -5.63 -2.94 -11.18
C LEU B 56 -4.39 -2.11 -10.83
N SER B 57 -3.34 -2.33 -11.60
CA SER B 57 -2.03 -1.71 -11.38
C SER B 57 -2.07 -0.18 -11.21
N THR B 58 -2.89 0.47 -12.02
CA THR B 58 -2.99 1.93 -11.98
C THR B 58 -3.71 2.46 -10.75
N ILE B 59 -4.89 1.93 -10.46
CA ILE B 59 -5.62 2.31 -9.25
C ILE B 59 -4.71 2.26 -8.00
N ARG B 60 -3.98 1.16 -7.83
CA ARG B 60 -3.07 1.02 -6.69
C ARG B 60 -2.03 2.14 -6.67
N GLU B 61 -1.39 2.35 -7.81
CA GLU B 61 -0.33 3.34 -7.91
C GLU B 61 -0.84 4.74 -7.55
N VAL B 62 -1.90 5.16 -8.25
CA VAL B 62 -2.50 6.47 -8.05
C VAL B 62 -2.91 6.69 -6.60
N ALA B 63 -3.42 5.64 -5.96
CA ALA B 63 -4.04 5.75 -4.64
C ALA B 63 -3.01 5.98 -3.55
N VAL B 64 -1.85 5.37 -3.73
CA VAL B 64 -0.75 5.51 -2.78
C VAL B 64 -0.27 6.95 -2.87
N LEU B 65 0.18 7.34 -4.07
CA LEU B 65 0.66 8.69 -4.29
C LEU B 65 -0.34 9.79 -3.91
N ARG B 66 -1.63 9.55 -4.10
CA ARG B 66 -2.63 10.55 -3.68
C ARG B 66 -2.71 10.55 -2.17
N HIS B 67 -2.73 9.36 -1.59
CA HIS B 67 -2.89 9.20 -0.14
C HIS B 67 -1.79 9.90 0.66
N LEU B 68 -0.60 10.01 0.13
CA LEU B 68 0.49 10.51 0.93
C LEU B 68 1.00 11.89 0.51
N GLU B 69 0.32 12.51 -0.45
CA GLU B 69 0.83 13.75 -1.06
C GLU B 69 0.80 15.02 -0.19
N THR B 70 0.06 15.00 0.91
CA THR B 70 0.13 16.12 1.88
C THR B 70 1.37 16.06 2.74
N PHE B 71 2.12 14.95 2.64
CA PHE B 71 3.38 14.83 3.34
C PHE B 71 4.52 15.38 2.51
N GLU B 72 4.19 15.87 1.31
CA GLU B 72 5.14 16.48 0.36
C GLU B 72 6.59 15.96 0.46
N HIS B 73 6.75 14.64 0.62
CA HIS B 73 8.06 14.02 0.83
C HIS B 73 9.01 14.17 -0.36
N PRO B 74 10.25 14.59 -0.10
CA PRO B 74 11.21 14.91 -1.18
C PRO B 74 11.66 13.72 -2.01
N ASN B 75 11.62 12.51 -1.45
CA ASN B 75 12.20 11.36 -2.13
C ASN B 75 11.21 10.41 -2.81
N VAL B 76 9.96 10.85 -2.96
CA VAL B 76 8.94 10.11 -3.73
C VAL B 76 8.50 10.98 -4.91
N VAL B 77 8.22 10.36 -6.06
CA VAL B 77 7.82 11.15 -7.22
C VAL B 77 6.43 11.78 -6.98
N ARG B 78 6.14 12.89 -7.66
CA ARG B 78 4.86 13.61 -7.48
C ARG B 78 3.86 13.41 -8.62
N LEU B 79 2.60 13.11 -8.27
CA LEU B 79 1.50 13.04 -9.25
C LEU B 79 0.65 14.32 -9.26
N PHE B 80 0.30 14.79 -10.46
CA PHE B 80 -0.46 16.03 -10.66
C PHE B 80 -1.91 15.76 -11.04
N ASP B 81 -2.12 14.97 -12.09
CA ASP B 81 -3.45 14.74 -12.66
C ASP B 81 -3.66 13.39 -13.31
N VAL B 82 -4.93 13.03 -13.55
CA VAL B 82 -5.29 11.84 -14.30
C VAL B 82 -6.34 12.22 -15.36
N CYS B 83 -6.14 11.77 -16.60
CA CYS B 83 -6.92 12.23 -17.75
C CYS B 83 -8.31 11.60 -17.89
N THR B 84 -8.37 10.27 -18.03
CA THR B 84 -9.63 9.46 -18.10
C THR B 84 -10.37 9.45 -19.46
N VAL B 85 -10.02 10.38 -20.35
CA VAL B 85 -10.77 10.68 -21.59
C VAL B 85 -11.35 9.46 -22.36
N SER B 86 -12.64 9.54 -22.69
CA SER B 86 -13.33 8.53 -23.50
C SER B 86 -13.75 9.09 -24.86
N THR B 88 -18.68 5.83 -27.66
CA THR B 88 -18.91 5.56 -29.08
C THR B 88 -17.86 4.60 -29.68
N ASP B 89 -16.86 5.16 -30.36
CA ASP B 89 -15.86 4.33 -31.05
C ASP B 89 -14.55 4.14 -30.25
N ARG B 90 -14.16 5.17 -29.51
CA ARG B 90 -12.89 5.17 -28.78
C ARG B 90 -12.95 4.31 -27.53
N GLU B 91 -11.77 3.95 -27.02
CA GLU B 91 -11.63 3.27 -25.73
C GLU B 91 -11.41 4.32 -24.66
N THR B 92 -10.95 3.89 -23.48
CA THR B 92 -10.51 4.84 -22.46
C THR B 92 -9.09 5.28 -22.83
N LYS B 93 -8.77 6.55 -22.55
CA LYS B 93 -7.42 7.07 -22.74
C LYS B 93 -6.90 7.59 -21.41
N LEU B 94 -5.99 6.83 -20.79
CA LEU B 94 -5.46 7.18 -19.47
C LEU B 94 -4.09 7.85 -19.52
N THR B 95 -4.08 9.18 -19.39
CA THR B 95 -2.85 9.92 -19.22
C THR B 95 -2.68 10.31 -17.74
N LEU B 96 -1.47 10.14 -17.22
CA LEU B 96 -1.11 10.60 -15.88
C LEU B 96 0.07 11.58 -15.94
N VAL B 97 -0.17 12.84 -15.59
CA VAL B 97 0.90 13.84 -15.56
C VAL B 97 1.65 13.82 -14.23
N PHE B 98 2.96 13.61 -14.33
CA PHE B 98 3.86 13.64 -13.17
C PHE B 98 4.84 14.79 -13.36
N GLU B 99 5.57 15.13 -12.29
CA GLU B 99 6.72 16.00 -12.45
C GLU B 99 7.75 15.31 -13.33
N HIS B 100 8.46 16.07 -14.16
CA HIS B 100 9.54 15.46 -14.94
C HIS B 100 10.81 15.39 -14.10
N VAL B 101 11.43 14.22 -14.12
CA VAL B 101 12.78 14.09 -13.58
C VAL B 101 13.71 13.76 -14.77
N ASP B 102 14.89 14.36 -14.79
CA ASP B 102 15.76 14.37 -15.98
C ASP B 102 16.38 13.01 -16.37
N GLN B 103 16.42 12.07 -15.43
CA GLN B 103 17.19 10.86 -15.58
C GLN B 103 16.75 9.80 -14.58
N ASP B 104 16.77 8.54 -14.99
CA ASP B 104 16.66 7.41 -14.05
C ASP B 104 18.08 6.99 -13.61
N LEU B 105 18.16 6.09 -12.64
CA LEU B 105 19.48 5.63 -12.14
C LEU B 105 20.24 4.85 -13.20
N THR B 106 19.51 4.06 -13.99
CA THR B 106 20.15 3.21 -15.00
C THR B 106 20.97 4.08 -15.95
N THR B 107 20.30 4.91 -16.74
CA THR B 107 20.97 5.80 -17.70
C THR B 107 22.06 6.66 -17.03
N TYR B 108 21.80 7.08 -15.79
CA TYR B 108 22.78 7.83 -15.03
C TYR B 108 24.06 7.04 -14.88
N LEU B 109 23.94 5.86 -14.27
CA LEU B 109 25.08 4.97 -14.08
C LEU B 109 25.82 4.78 -15.41
N ASP B 110 25.08 4.61 -16.51
CA ASP B 110 25.68 4.41 -17.83
C ASP B 110 26.52 5.60 -18.28
N LYS B 111 25.96 6.80 -18.14
CA LYS B 111 26.62 8.00 -18.66
C LYS B 111 27.70 8.62 -17.77
N VAL B 112 27.67 8.36 -16.46
CA VAL B 112 28.66 8.96 -15.54
C VAL B 112 30.08 8.74 -16.07
N PRO B 113 30.86 9.81 -16.27
CA PRO B 113 32.24 9.72 -16.80
C PRO B 113 33.07 8.73 -15.97
N GLU B 114 34.38 8.69 -16.18
CA GLU B 114 35.12 7.57 -15.59
C GLU B 114 35.11 7.47 -14.05
N PRO B 115 36.18 7.04 -13.39
CA PRO B 115 36.12 6.02 -12.33
C PRO B 115 34.71 5.64 -11.78
N GLY B 116 33.67 5.89 -12.57
CA GLY B 116 32.29 5.75 -12.09
C GLY B 116 31.89 6.92 -11.20
N VAL B 117 30.79 6.74 -10.47
CA VAL B 117 30.24 7.74 -9.55
C VAL B 117 31.13 8.00 -8.32
N PRO B 118 31.44 9.28 -8.02
CA PRO B 118 32.15 9.62 -6.78
C PRO B 118 31.47 9.02 -5.58
N THR B 119 32.24 8.45 -4.66
CA THR B 119 31.69 7.70 -3.54
C THR B 119 30.74 8.52 -2.65
N GLU B 120 30.95 9.85 -2.62
CA GLU B 120 30.10 10.77 -1.89
C GLU B 120 28.71 10.76 -2.48
N THR B 121 28.65 10.62 -3.80
CA THR B 121 27.37 10.47 -4.46
C THR B 121 26.73 9.14 -4.04
N ILE B 122 27.52 8.07 -4.03
CA ILE B 122 27.06 6.75 -3.57
C ILE B 122 26.48 6.79 -2.16
N LYS B 123 27.06 7.59 -1.28
CA LYS B 123 26.55 7.67 0.08
C LYS B 123 25.21 8.41 0.14
N ASP B 124 25.21 9.65 -0.33
CA ASP B 124 24.03 10.52 -0.28
C ASP B 124 22.83 9.99 -1.06
N MET B 125 23.07 9.41 -2.23
CA MET B 125 22.00 8.80 -3.01
C MET B 125 21.35 7.61 -2.29
N MET B 126 22.18 6.78 -1.65
CA MET B 126 21.73 5.65 -0.87
C MET B 126 21.02 6.10 0.38
N PHE B 127 21.49 7.22 0.94
CA PHE B 127 20.83 7.83 2.08
C PHE B 127 19.43 8.23 1.67
N GLN B 128 19.32 8.97 0.57
CA GLN B 128 18.05 9.43 0.04
C GLN B 128 17.09 8.31 -0.30
N LEU B 129 17.63 7.20 -0.81
CA LEU B 129 16.80 6.07 -1.15
C LEU B 129 16.22 5.43 0.12
N LEU B 130 17.08 5.18 1.12
CA LEU B 130 16.65 4.58 2.39
C LEU B 130 15.61 5.42 3.12
N ARG B 131 15.71 6.74 2.97
CA ARG B 131 14.72 7.63 3.56
C ARG B 131 13.38 7.51 2.85
N GLY B 132 13.41 7.44 1.51
CA GLY B 132 12.18 7.24 0.74
C GLY B 132 11.43 6.01 1.22
N LEU B 133 12.22 4.98 1.51
CA LEU B 133 11.70 3.72 1.96
C LEU B 133 11.23 3.80 3.39
N ASP B 134 11.98 4.48 4.24
CA ASP B 134 11.59 4.59 5.64
C ASP B 134 10.24 5.30 5.79
N PHE B 135 10.02 6.29 4.93
CA PHE B 135 8.75 6.96 4.81
C PHE B 135 7.64 5.97 4.50
N LEU B 136 7.80 5.27 3.39
CA LEU B 136 6.79 4.35 2.88
C LEU B 136 6.39 3.31 3.91
N HIS B 137 7.36 2.54 4.41
CA HIS B 137 7.07 1.48 5.39
C HIS B 137 6.40 1.93 6.70
N SER B 138 6.66 3.17 7.10
CA SER B 138 6.08 3.72 8.34
C SER B 138 4.62 4.13 8.12
N HIS B 139 4.19 4.10 6.87
CA HIS B 139 2.78 4.31 6.49
C HIS B 139 2.20 3.00 5.96
N ARG B 140 2.94 1.92 6.22
CA ARG B 140 2.52 0.57 5.92
C ARG B 140 2.45 0.23 4.43
N VAL B 141 3.12 1.03 3.61
CA VAL B 141 3.23 0.80 2.17
C VAL B 141 4.54 0.08 1.83
N VAL B 142 4.43 -0.98 1.03
CA VAL B 142 5.65 -1.64 0.56
C VAL B 142 5.77 -1.43 -0.94
N HIS B 143 6.81 -0.73 -1.38
CA HIS B 143 7.09 -0.57 -2.80
C HIS B 143 7.73 -1.87 -3.15
N ARG B 144 7.07 -2.73 -3.93
CA ARG B 144 7.64 -4.04 -4.16
C ARG B 144 8.22 -4.17 -5.55
N ASP B 145 9.00 -3.18 -5.97
CA ASP B 145 9.42 -3.12 -7.36
C ASP B 145 10.61 -2.19 -7.55
N LEU B 146 11.49 -2.16 -6.54
CA LEU B 146 12.70 -1.35 -6.63
C LEU B 146 13.69 -1.99 -7.58
N LYS B 147 14.19 -1.13 -8.47
CA LYS B 147 15.18 -1.46 -9.50
C LYS B 147 15.66 -0.10 -10.04
N PRO B 148 16.83 -0.05 -10.68
CA PRO B 148 17.41 1.22 -11.08
C PRO B 148 16.57 2.00 -12.09
N GLN B 149 15.76 1.32 -12.91
CA GLN B 149 14.84 1.99 -13.83
C GLN B 149 13.71 2.73 -13.09
N ASN B 150 13.45 2.31 -11.87
CA ASN B 150 12.38 2.90 -11.06
C ASN B 150 12.91 3.94 -10.09
N ILE B 151 14.22 4.18 -10.11
CA ILE B 151 14.80 5.19 -9.25
C ILE B 151 15.22 6.35 -10.11
N LEU B 152 14.57 7.50 -9.92
CA LEU B 152 14.85 8.68 -10.72
C LEU B 152 15.76 9.66 -9.97
N VAL B 153 16.60 10.37 -10.73
CA VAL B 153 17.56 11.33 -10.15
C VAL B 153 17.41 12.72 -10.78
N THR B 154 17.15 13.73 -9.96
CA THR B 154 17.10 15.11 -10.44
C THR B 154 18.53 15.62 -10.66
N SER B 155 18.64 16.81 -11.27
CA SER B 155 19.93 17.41 -11.63
C SER B 155 20.74 17.90 -10.43
N SER B 156 20.05 18.21 -9.33
CA SER B 156 20.67 18.47 -8.03
C SER B 156 20.98 17.14 -7.32
N GLY B 157 21.34 16.12 -8.09
CA GLY B 157 21.58 14.75 -7.59
C GLY B 157 20.49 14.13 -6.72
N GLN B 158 19.24 14.54 -6.92
CA GLN B 158 18.16 14.16 -6.02
C GLN B 158 17.36 12.89 -6.43
N ILE B 159 17.09 12.03 -5.45
CA ILE B 159 16.46 10.71 -5.64
C ILE B 159 14.92 10.74 -5.56
N LYS B 160 14.27 10.09 -6.53
CA LYS B 160 12.81 10.02 -6.60
C LYS B 160 12.31 8.62 -6.97
N LEU B 161 11.71 7.90 -6.01
CA LEU B 161 11.13 6.58 -6.28
C LEU B 161 9.93 6.74 -7.18
N ALA B 162 9.83 5.88 -8.19
CA ALA B 162 8.78 6.00 -9.18
C ALA B 162 8.02 4.69 -9.32
N ASP B 163 7.04 4.67 -10.21
CA ASP B 163 6.28 3.47 -10.56
C ASP B 163 5.78 2.68 -9.33
N PHE B 164 4.56 2.99 -8.91
CA PHE B 164 3.99 2.42 -7.69
C PHE B 164 2.89 1.35 -7.96
N GLY B 165 2.87 0.83 -9.19
CA GLY B 165 1.79 -0.05 -9.65
C GLY B 165 1.74 -1.47 -9.07
N LEU B 166 2.68 -1.75 -8.16
CA LEU B 166 2.78 -3.04 -7.51
C LEU B 166 2.77 -2.84 -5.98
N ALA B 167 2.66 -1.58 -5.56
CA ALA B 167 2.67 -1.22 -4.16
C ALA B 167 1.29 -1.41 -3.56
N ARG B 168 1.26 -1.59 -2.24
CA ARG B 168 0.03 -1.70 -1.50
C ARG B 168 0.24 -1.52 0.00
N ILE B 169 -0.83 -1.16 0.68
CA ILE B 169 -0.84 -1.13 2.12
C ILE B 169 -0.84 -2.56 2.65
N TYR B 170 0.22 -2.95 3.36
CA TYR B 170 0.24 -4.29 3.99
C TYR B 170 -0.58 -4.41 5.29
N SER B 171 -1.35 -5.47 5.40
CA SER B 171 -2.03 -5.80 6.64
C SER B 171 -1.86 -7.28 6.98
N PHE B 172 -1.60 -7.57 8.26
CA PHE B 172 -1.57 -8.92 8.83
C PHE B 172 -2.64 -9.83 8.22
N GLN B 173 -2.20 -11.03 7.84
CA GLN B 173 -3.05 -12.11 7.32
C GLN B 173 -3.59 -11.86 5.93
N MET B 174 -3.17 -10.77 5.27
CA MET B 174 -3.58 -10.56 3.86
C MET B 174 -2.88 -11.50 2.87
N ALA B 175 -3.63 -11.93 1.88
CA ALA B 175 -3.12 -12.77 0.80
C ALA B 175 -2.03 -12.08 -0.05
N LEU B 176 -1.24 -12.85 -0.79
CA LEU B 176 -0.17 -12.31 -1.60
C LEU B 176 -0.07 -13.11 -2.89
N THR B 177 0.27 -12.44 -4.00
CA THR B 177 0.66 -13.17 -5.21
C THR B 177 2.05 -13.60 -4.93
N SER B 178 2.49 -14.70 -5.54
CA SER B 178 3.86 -15.17 -5.44
C SER B 178 4.76 -14.58 -6.53
N VAL B 179 4.54 -13.29 -6.83
CA VAL B 179 5.19 -12.64 -7.98
C VAL B 179 5.30 -11.14 -7.84
N VAL B 180 6.54 -10.69 -7.64
CA VAL B 180 6.82 -9.33 -7.25
C VAL B 180 8.32 -9.08 -7.50
N VAL B 181 8.67 -7.91 -8.04
CA VAL B 181 10.07 -7.53 -8.38
C VAL B 181 10.63 -8.31 -9.60
N THR B 182 11.47 -7.66 -10.41
CA THR B 182 12.18 -8.37 -11.49
C THR B 182 13.11 -9.38 -10.85
N LEU B 183 13.30 -10.54 -11.51
CA LEU B 183 14.08 -11.63 -10.90
C LEU B 183 15.43 -11.15 -10.43
N TRP B 184 16.07 -10.34 -11.25
CA TRP B 184 17.36 -9.73 -10.95
C TRP B 184 17.46 -9.01 -9.59
N TYR B 185 16.32 -8.54 -9.07
CA TYR B 185 16.31 -7.85 -7.77
C TYR B 185 15.45 -8.54 -6.72
N ARG B 186 14.82 -9.65 -7.09
CA ARG B 186 13.96 -10.43 -6.20
C ARG B 186 14.69 -11.00 -5.01
N ALA B 187 14.05 -10.92 -3.86
CA ALA B 187 14.56 -11.51 -2.65
C ALA B 187 14.41 -13.04 -2.66
N PRO B 188 15.22 -13.75 -1.86
CA PRO B 188 15.05 -15.18 -1.68
C PRO B 188 13.65 -15.57 -1.21
N GLU B 189 13.09 -14.83 -0.24
CA GLU B 189 11.70 -15.09 0.24
C GLU B 189 10.72 -15.40 -0.90
N VAL B 190 10.83 -14.61 -1.96
CA VAL B 190 9.89 -14.64 -3.08
C VAL B 190 10.29 -15.78 -4.01
N LEU B 191 11.59 -15.93 -4.28
CA LEU B 191 12.10 -17.04 -5.08
C LEU B 191 11.72 -18.38 -4.45
N LEU B 192 11.88 -18.49 -3.13
CA LEU B 192 11.53 -19.72 -2.40
C LEU B 192 10.03 -19.89 -2.21
N GLN B 193 9.27 -18.94 -2.72
CA GLN B 193 7.79 -18.89 -2.63
C GLN B 193 7.20 -18.88 -1.20
N SER B 194 7.69 -17.94 -0.39
CA SER B 194 7.27 -17.82 1.00
C SER B 194 6.59 -16.48 1.23
N SER B 195 6.25 -16.18 2.49
CA SER B 195 5.73 -14.87 2.84
C SER B 195 6.80 -13.79 2.68
N TYR B 196 6.39 -12.68 2.11
CA TYR B 196 7.28 -11.56 1.97
C TYR B 196 6.59 -10.26 2.41
N ALA B 197 7.39 -9.31 2.86
CA ALA B 197 6.92 -8.05 3.44
C ALA B 197 7.89 -6.89 3.11
N THR B 198 8.01 -5.92 4.03
CA THR B 198 8.97 -4.82 3.81
C THR B 198 10.39 -5.30 3.43
N PRO B 199 10.97 -6.33 4.08
CA PRO B 199 12.37 -6.68 3.81
C PRO B 199 12.70 -6.78 2.32
N VAL B 200 11.70 -7.17 1.53
CA VAL B 200 11.78 -7.20 0.07
C VAL B 200 12.35 -5.90 -0.53
N ASP B 201 12.04 -4.74 0.07
CA ASP B 201 12.61 -3.47 -0.42
C ASP B 201 14.10 -3.34 -0.11
N LEU B 202 14.51 -3.76 1.07
CA LEU B 202 15.91 -3.64 1.43
C LEU B 202 16.78 -4.59 0.62
N TRP B 203 16.23 -5.73 0.20
CA TRP B 203 16.97 -6.60 -0.70
C TRP B 203 17.33 -5.83 -1.96
N SER B 204 16.33 -5.20 -2.59
CA SER B 204 16.57 -4.35 -3.74
C SER B 204 17.63 -3.30 -3.43
N VAL B 205 17.50 -2.65 -2.26
CA VAL B 205 18.49 -1.68 -1.77
C VAL B 205 19.89 -2.29 -1.74
N GLY B 206 20.03 -3.45 -1.09
CA GLY B 206 21.28 -4.21 -1.12
C GLY B 206 21.85 -4.37 -2.52
N CYS B 207 20.98 -4.71 -3.47
CA CYS B 207 21.40 -4.98 -4.85
C CYS B 207 21.65 -3.69 -5.65
N ILE B 208 20.93 -2.62 -5.33
CA ILE B 208 21.16 -1.32 -5.96
C ILE B 208 22.46 -0.67 -5.47
N PHE B 209 22.66 -0.72 -4.16
CA PHE B 209 23.91 -0.34 -3.52
C PHE B 209 25.15 -1.00 -4.14
N ALA B 210 25.06 -2.29 -4.46
CA ALA B 210 26.14 -2.98 -5.18
C ALA B 210 26.21 -2.48 -6.62
N GLU B 211 25.08 -2.51 -7.31
CA GLU B 211 25.02 -2.10 -8.73
C GLU B 211 25.56 -0.69 -8.93
N MET B 212 25.56 0.11 -7.86
CA MET B 212 26.12 1.46 -7.91
C MET B 212 27.64 1.47 -7.91
N PHE B 213 28.26 0.87 -6.90
CA PHE B 213 29.70 0.74 -6.83
C PHE B 213 30.20 0.15 -8.14
N ARG B 214 29.71 -1.04 -8.47
CA ARG B 214 30.28 -1.82 -9.57
C ARG B 214 29.65 -1.55 -10.94
N ARG B 215 28.65 -0.67 -11.00
CA ARG B 215 28.06 -0.23 -12.27
C ARG B 215 27.60 -1.41 -13.15
N LYS B 216 27.28 -2.53 -12.49
CA LYS B 216 26.71 -3.73 -13.14
C LYS B 216 25.91 -4.53 -12.08
N PRO B 217 24.72 -5.04 -12.45
CA PRO B 217 23.92 -5.86 -11.52
C PRO B 217 24.70 -7.00 -10.85
N LEU B 218 24.25 -7.42 -9.68
CA LEU B 218 25.01 -8.35 -8.85
C LEU B 218 24.49 -9.77 -8.96
N PHE B 219 23.20 -9.91 -9.17
CA PHE B 219 22.57 -11.23 -9.27
C PHE B 219 21.72 -11.27 -10.53
N ARG B 220 22.31 -11.78 -11.60
CA ARG B 220 21.65 -11.81 -12.90
C ARG B 220 21.46 -13.24 -13.36
N GLY B 221 20.22 -13.65 -13.57
CA GLY B 221 19.95 -15.00 -14.05
C GLY B 221 18.88 -15.14 -15.12
N SER B 222 18.82 -16.32 -15.71
CA SER B 222 17.83 -16.65 -16.73
C SER B 222 16.50 -17.11 -16.12
N SER B 223 16.55 -17.66 -14.91
CA SER B 223 15.40 -18.29 -14.29
C SER B 223 15.46 -18.18 -12.78
N ASP B 224 14.37 -18.55 -12.12
CA ASP B 224 14.23 -18.40 -10.67
C ASP B 224 15.22 -19.26 -9.91
N VAL B 225 15.37 -20.52 -10.34
CA VAL B 225 16.30 -21.47 -9.70
C VAL B 225 17.72 -20.95 -9.89
N ASP B 226 18.05 -20.65 -11.14
CA ASP B 226 19.29 -19.99 -11.50
C ASP B 226 19.50 -18.76 -10.61
N GLN B 227 18.56 -17.85 -10.65
CA GLN B 227 18.58 -16.69 -9.75
C GLN B 227 19.03 -17.07 -8.34
N LEU B 228 18.24 -17.91 -7.67
CA LEU B 228 18.51 -18.36 -6.31
C LEU B 228 19.93 -18.92 -6.13
N GLY B 229 20.45 -19.54 -7.18
CA GLY B 229 21.82 -20.10 -7.14
C GLY B 229 22.91 -19.05 -7.06
N LYS B 230 22.84 -18.07 -7.95
CA LYS B 230 23.78 -16.94 -7.97
C LYS B 230 23.75 -16.15 -6.65
N ILE B 231 22.59 -16.12 -6.00
CA ILE B 231 22.54 -15.48 -4.70
C ILE B 231 23.36 -16.31 -3.71
N LEU B 232 23.00 -17.58 -3.52
CA LEU B 232 23.68 -18.41 -2.53
C LEU B 232 25.17 -18.55 -2.82
N ASP B 233 25.53 -18.21 -4.06
CA ASP B 233 26.92 -18.12 -4.51
C ASP B 233 27.71 -17.21 -3.59
N VAL B 234 27.18 -16.01 -3.36
CA VAL B 234 27.87 -14.99 -2.60
C VAL B 234 27.48 -14.99 -1.12
N ILE B 235 26.22 -14.65 -0.83
CA ILE B 235 25.66 -14.59 0.54
C ILE B 235 26.02 -15.81 1.38
N GLY B 236 26.32 -16.92 0.69
CA GLY B 236 26.55 -18.22 1.30
C GLY B 236 25.27 -19.02 1.47
N LEU B 237 25.44 -20.28 1.86
CA LEU B 237 24.32 -21.13 2.25
C LEU B 237 24.22 -21.12 3.78
N PRO B 238 23.24 -20.39 4.34
CA PRO B 238 23.12 -20.25 5.80
C PRO B 238 22.49 -21.48 6.44
N GLY B 239 22.76 -21.70 7.72
CA GLY B 239 22.25 -22.88 8.46
C GLY B 239 20.73 -23.02 8.52
N GLU B 240 20.26 -24.14 9.07
CA GLU B 240 18.83 -24.49 9.11
C GLU B 240 17.97 -23.52 9.92
N GLU B 241 18.54 -23.02 11.03
CA GLU B 241 17.88 -22.03 11.88
C GLU B 241 17.26 -20.90 11.07
N ASP B 242 18.00 -20.42 10.06
CA ASP B 242 17.57 -19.31 9.21
C ASP B 242 16.97 -19.75 7.86
N TRP B 243 16.57 -21.02 7.78
CA TRP B 243 15.88 -21.60 6.61
C TRP B 243 14.43 -21.99 6.98
N PRO B 244 13.44 -21.42 6.27
CA PRO B 244 12.03 -21.46 6.74
C PRO B 244 11.36 -22.83 6.58
N GLN B 252 17.66 -30.13 0.84
CA GLN B 252 19.10 -30.31 0.85
C GLN B 252 19.69 -30.12 -0.55
N ALA B 253 19.41 -28.97 -1.15
CA ALA B 253 19.81 -28.68 -2.52
C ALA B 253 21.20 -28.07 -2.68
N PHE B 254 21.28 -27.07 -3.57
CA PHE B 254 22.51 -26.40 -4.01
C PHE B 254 23.82 -26.73 -3.29
N ALA B 259 31.46 -18.91 0.57
CA ALA B 259 30.77 -17.65 0.35
C ALA B 259 31.50 -16.74 -0.63
N GLN B 260 32.82 -16.64 -0.51
CA GLN B 260 33.63 -15.63 -1.22
C GLN B 260 33.22 -14.20 -0.83
N PRO B 261 34.01 -13.57 0.05
CA PRO B 261 33.66 -12.27 0.64
C PRO B 261 33.19 -11.26 -0.40
N ILE B 262 32.08 -10.58 -0.11
CA ILE B 262 31.43 -9.67 -1.05
C ILE B 262 32.38 -8.76 -1.84
N GLU B 263 33.53 -8.46 -1.24
CA GLU B 263 34.51 -7.51 -1.81
C GLU B 263 35.04 -7.96 -3.16
N LYS B 264 34.87 -9.25 -3.45
CA LYS B 264 35.29 -9.86 -4.73
C LYS B 264 34.45 -9.34 -5.88
N PHE B 265 33.14 -9.18 -5.67
CA PHE B 265 32.27 -8.64 -6.71
C PHE B 265 32.00 -7.16 -6.53
N VAL B 266 32.48 -6.59 -5.43
CA VAL B 266 32.20 -5.18 -5.13
C VAL B 266 33.48 -4.41 -4.71
N THR B 267 34.53 -4.47 -5.53
CA THR B 267 35.76 -3.72 -5.26
C THR B 267 35.53 -2.21 -5.39
N ASP B 268 36.27 -1.44 -4.58
CA ASP B 268 36.07 0.02 -4.40
C ASP B 268 35.14 0.34 -3.25
N ILE B 269 34.57 -0.71 -2.64
CA ILE B 269 33.76 -0.52 -1.45
C ILE B 269 34.64 -0.33 -0.22
N ASP B 270 34.27 0.68 0.57
CA ASP B 270 34.89 0.96 1.85
C ASP B 270 34.35 0.01 2.91
N GLU B 271 35.17 -0.30 3.91
CA GLU B 271 34.87 -1.26 4.98
C GLU B 271 33.50 -1.09 5.63
N LEU B 272 33.12 0.15 5.96
CA LEU B 272 31.83 0.40 6.62
C LEU B 272 30.60 0.22 5.71
N GLY B 273 30.80 0.32 4.40
CA GLY B 273 29.71 0.13 3.44
C GLY B 273 29.41 -1.34 3.25
N LYS B 274 30.46 -2.17 3.39
CA LYS B 274 30.32 -3.61 3.31
C LYS B 274 29.39 -4.17 4.39
N ASP B 275 29.42 -3.56 5.57
CA ASP B 275 28.62 -4.03 6.69
C ASP B 275 27.15 -3.78 6.43
N LEU B 276 26.87 -2.57 5.94
CA LEU B 276 25.54 -2.23 5.49
C LEU B 276 25.14 -3.19 4.37
N LEU B 277 25.96 -3.30 3.33
CA LEU B 277 25.65 -4.14 2.16
C LEU B 277 25.21 -5.57 2.52
N LEU B 278 25.99 -6.24 3.37
CA LEU B 278 25.65 -7.58 3.84
C LEU B 278 24.37 -7.55 4.67
N LYS B 279 24.26 -6.56 5.54
CA LYS B 279 23.10 -6.38 6.39
C LYS B 279 21.77 -6.38 5.60
N CYS B 280 21.77 -5.74 4.43
CA CYS B 280 20.62 -5.74 3.54
C CYS B 280 20.54 -7.02 2.74
N LEU B 281 21.69 -7.64 2.47
CA LEU B 281 21.70 -8.87 1.71
C LEU B 281 21.83 -10.03 2.67
N THR B 282 20.99 -9.99 3.70
CA THR B 282 20.89 -11.07 4.67
C THR B 282 19.76 -12.01 4.20
N PHE B 283 20.06 -13.31 4.18
CA PHE B 283 19.11 -14.33 3.69
C PHE B 283 17.80 -14.39 4.46
N ASN B 284 17.89 -14.60 5.76
CA ASN B 284 16.72 -14.65 6.62
C ASN B 284 16.07 -13.29 6.66
N PRO B 285 14.81 -13.19 6.24
CA PRO B 285 14.09 -11.90 6.23
C PRO B 285 13.91 -11.26 7.61
N ALA B 286 13.66 -12.08 8.62
CA ALA B 286 13.51 -11.64 10.03
C ALA B 286 14.78 -11.01 10.64
N LYS B 287 15.91 -11.17 9.95
CA LYS B 287 17.22 -10.76 10.47
C LYS B 287 17.82 -9.66 9.60
N ARG B 288 17.06 -9.25 8.59
CA ARG B 288 17.57 -8.25 7.65
C ARG B 288 17.54 -6.88 8.31
N ILE B 289 18.38 -5.97 7.81
CA ILE B 289 18.36 -4.58 8.27
C ILE B 289 17.08 -3.89 7.78
N SER B 290 16.60 -2.91 8.55
CA SER B 290 15.43 -2.13 8.14
C SER B 290 15.85 -0.74 7.68
N ALA B 291 15.03 -0.08 6.87
CA ALA B 291 15.31 1.28 6.40
C ALA B 291 15.63 2.27 7.53
N TYR B 292 14.80 2.29 8.56
CA TYR B 292 15.02 3.15 9.72
C TYR B 292 16.44 3.01 10.33
N SER B 293 16.85 1.79 10.66
CA SER B 293 18.06 1.67 11.46
C SER B 293 19.31 1.63 10.58
N ALA B 294 19.11 1.24 9.32
CA ALA B 294 20.12 1.40 8.28
C ALA B 294 20.50 2.88 8.14
N LEU B 295 19.51 3.77 8.17
CA LEU B 295 19.77 5.20 8.06
C LEU B 295 20.74 5.71 9.13
N SER B 296 20.89 4.92 10.20
CA SER B 296 21.75 5.26 11.33
C SER B 296 22.94 4.27 11.45
N HIS B 297 23.14 3.45 10.43
CA HIS B 297 24.36 2.66 10.33
C HIS B 297 25.55 3.61 10.15
N PRO B 298 26.63 3.41 10.93
CA PRO B 298 27.85 4.24 10.86
C PRO B 298 28.41 4.63 9.49
N TYR B 299 27.92 4.01 8.42
CA TYR B 299 28.32 4.34 7.04
C TYR B 299 27.94 5.77 6.64
N PHE B 300 26.75 6.20 7.05
CA PHE B 300 26.25 7.52 6.67
C PHE B 300 26.71 8.61 7.63
N GLN B 301 27.26 8.18 8.75
CA GLN B 301 27.79 9.06 9.76
C GLN B 301 28.56 10.26 9.17
N ASP B 302 29.49 9.98 8.25
CA ASP B 302 30.34 11.02 7.65
C ASP B 302 29.71 11.87 6.53
N LEU B 303 28.37 11.94 6.49
CA LEU B 303 27.65 12.75 5.49
C LEU B 303 27.89 14.25 5.62
N GLU B 304 27.29 15.03 4.71
CA GLU B 304 27.27 16.48 4.83
C GLU B 304 25.84 16.94 5.09
N ARG B 305 25.70 17.80 6.10
CA ARG B 305 24.40 18.32 6.53
C ARG B 305 24.60 19.64 7.27
S SO4 C . -0.07 -8.93 -3.70
O1 SO4 C . -0.71 -7.90 -4.57
O2 SO4 C . -0.58 -10.22 -4.12
O3 SO4 C . 1.37 -8.99 -3.87
O4 SO4 C . -0.33 -8.72 -2.26
O1 AP9 D . 12.76 3.83 -15.96
C15 AP9 D . 12.55 5.10 -16.60
C12 AP9 D . 11.21 5.08 -17.33
C13 AP9 D . 11.32 5.31 -18.85
C14 AP9 D . 9.93 5.56 -19.43
C16 AP9 D . 11.99 4.14 -19.55
N2 AP9 D . 10.25 6.01 -16.76
C2 AP9 D . 10.46 7.30 -16.37
N3 AP9 D . 9.39 7.88 -15.75
C4 AP9 D . 9.42 9.15 -15.29
C5 AP9 D . 10.66 9.92 -15.47
N7 AP9 D . 10.42 11.13 -14.93
C8 AP9 D . 9.16 11.14 -14.46
N9 AP9 D . 8.54 9.96 -14.67
C9 AP9 D . 7.13 9.65 -14.25
C10 AP9 D . 7.08 9.74 -12.72
C11 AP9 D . 6.68 8.24 -14.61
C6 AP9 D . 11.81 9.25 -16.16
N1 AP9 D . 11.63 7.96 -16.56
N6 AP9 D . 12.97 9.95 -16.31
C1A AP9 D . 13.87 9.88 -17.32
C2A AP9 D . 14.10 11.03 -18.08
C3A AP9 D . 15.04 11.04 -19.10
N10 AP9 D . 15.24 12.15 -19.84
C4A AP9 D . 15.77 9.89 -19.38
C5A AP9 D . 15.56 8.73 -18.61
CL1 AP9 D . 16.35 7.50 -18.92
C6A AP9 D . 14.62 8.73 -17.57
S DMS E . 3.95 11.86 -2.66
O DMS E . 4.32 12.90 -1.22
C1 DMS E . 2.57 10.81 -2.19
C2 DMS E . 3.20 12.72 -4.09
#